data_8T9V
#
_entry.id   8T9V
#
_cell.length_a   169.078
_cell.length_b   169.078
_cell.length_c   54.772
_cell.angle_alpha   90.00
_cell.angle_beta   90.00
_cell.angle_gamma   120.00
#
_symmetry.space_group_name_H-M   'P 63 2 2'
#
loop_
_entity.id
_entity.type
_entity.pdbx_description
1 polymer Ricin
2 non-polymer '(9aP)-7-fluoro-4,5-dihydronaphtho[1,2-b]thiophene-2-carboxylic acid'
3 non-polymer 'NONAETHYLENE GLYCOL'
4 water water
#
_entity_poly.entity_id   1
_entity_poly.type   'polypeptide(L)'
_entity_poly.pdbx_seq_one_letter_code
;KQYPIINFTTAGATVQSYTNFIRAVRGRLTTGADVRHEIPVLPNRVGLPINQRFILVELSNHAELSVTLALDVTNAYVVG
YRAGNSAYFFHPDNQEDAEAITHLFTDVQNRYTFAFGGNYDRLEQLAGNLRENIELGNGPLEEAISALYYYSTGGTQLPT
LARSFIICIQMISEAARFQYIEGEMRTRIRYNRRSAPDPSVITLENSWGRLSTAIQESNQGAFASPIQLQRRNGSKFSVY
DVSILIPIIALMVYRCAP
;
_entity_poly.pdbx_strand_id   A
#
# COMPACT_ATOMS: atom_id res chain seq x y z
N LYS A 1 21.36 -6.19 -9.02
CA LYS A 1 20.86 -7.54 -9.31
C LYS A 1 19.57 -7.79 -8.52
N GLN A 2 19.34 -6.97 -7.51
CA GLN A 2 18.12 -7.03 -6.74
C GLN A 2 17.55 -5.63 -6.54
N TYR A 3 16.24 -5.56 -6.42
CA TYR A 3 15.56 -4.32 -6.13
C TYR A 3 15.83 -3.93 -4.69
N PRO A 4 15.64 -2.65 -4.33
CA PRO A 4 15.82 -2.24 -2.93
C PRO A 4 14.92 -3.02 -1.98
N ILE A 5 15.48 -3.42 -0.82
CA ILE A 5 14.69 -4.14 0.19
C ILE A 5 14.58 -3.31 1.46
N ILE A 6 13.37 -3.21 2.00
CA ILE A 6 13.14 -2.59 3.31
C ILE A 6 12.64 -3.69 4.24
N ASN A 7 13.18 -3.76 5.45
CA ASN A 7 12.76 -4.78 6.41
C ASN A 7 11.90 -4.19 7.53
N PHE A 8 10.89 -4.95 7.96
CA PHE A 8 10.12 -4.57 9.14
C PHE A 8 9.72 -5.85 9.89
N THR A 9 9.70 -5.81 11.22
CA THR A 9 9.19 -6.92 11.99
C THR A 9 8.15 -6.46 13.02
N THR A 10 7.06 -7.22 13.17
CA THR A 10 6.12 -6.93 14.25
C THR A 10 6.66 -7.34 15.60
N ALA A 11 7.79 -8.06 15.64
CA ALA A 11 8.30 -8.61 16.88
C ALA A 11 8.93 -7.47 17.69
N GLY A 12 8.27 -7.08 18.78
CA GLY A 12 8.76 -5.95 19.56
C GLY A 12 8.64 -4.62 18.86
N ALA A 13 7.75 -4.50 17.87
CA ALA A 13 7.65 -3.24 17.15
C ALA A 13 7.16 -2.12 18.06
N THR A 14 7.58 -0.90 17.75
CA THR A 14 7.25 0.29 18.51
C THR A 14 6.77 1.38 17.56
N VAL A 15 6.25 2.44 18.15
CA VAL A 15 5.96 3.63 17.37
C VAL A 15 7.21 4.05 16.57
N GLN A 16 8.36 4.10 17.25
CA GLN A 16 9.59 4.52 16.57
C GLN A 16 9.93 3.58 15.42
N SER A 17 9.90 2.24 15.66
CA SER A 17 10.34 1.32 14.63
C SER A 17 9.38 1.32 13.43
N TYR A 18 8.08 1.55 13.66
CA TYR A 18 7.15 1.60 12.53
C TYR A 18 7.29 2.93 11.76
N THR A 19 7.52 4.03 12.47
CA THR A 19 7.85 5.31 11.83
C THR A 19 9.10 5.21 10.96
N ASN A 20 10.18 4.60 11.49
CA ASN A 20 11.39 4.38 10.67
C ASN A 20 11.05 3.60 9.41
N PHE A 21 10.21 2.59 9.53
CA PHE A 21 9.90 1.71 8.41
C PHE A 21 9.18 2.48 7.30
N ILE A 22 8.11 3.18 7.66
CA ILE A 22 7.35 3.92 6.65
C ILE A 22 8.20 5.02 6.03
N ARG A 23 9.05 5.67 6.83
CA ARG A 23 9.96 6.66 6.27
C ARG A 23 10.90 6.02 5.25
N ALA A 24 11.38 4.78 5.51
CA ALA A 24 12.27 4.13 4.54
C ALA A 24 11.51 3.73 3.30
N VAL A 25 10.26 3.25 3.47
CA VAL A 25 9.44 2.92 2.30
C VAL A 25 9.20 4.15 1.43
N ARG A 26 8.76 5.28 2.02
CA ARG A 26 8.62 6.49 1.22
C ARG A 26 9.94 6.88 0.54
N GLY A 27 11.07 6.73 1.27
CA GLY A 27 12.37 7.10 0.68
C GLY A 27 12.68 6.29 -0.56
N ARG A 28 12.44 4.97 -0.53
CA ARG A 28 12.69 4.16 -1.72
C ARG A 28 11.68 4.43 -2.82
N LEU A 29 10.42 4.68 -2.45
CA LEU A 29 9.41 4.95 -3.48
C LEU A 29 9.76 6.20 -4.27
N THR A 30 10.41 7.17 -3.63
CA THR A 30 10.63 8.49 -4.22
C THR A 30 12.05 8.70 -4.76
N THR A 31 12.84 7.63 -4.96
CA THR A 31 14.16 7.83 -5.57
C THR A 31 14.02 8.50 -6.93
N GLY A 32 13.07 8.02 -7.73
CA GLY A 32 12.83 8.66 -9.01
C GLY A 32 11.70 9.65 -9.02
N ALA A 33 11.19 10.07 -7.86
CA ALA A 33 9.98 10.90 -7.83
C ALA A 33 10.31 12.35 -8.21
N ASP A 34 9.27 13.06 -8.62
CA ASP A 34 9.37 14.50 -8.87
C ASP A 34 9.07 15.22 -7.55
N VAL A 35 10.08 15.87 -6.95
CA VAL A 35 9.90 16.54 -5.67
C VAL A 35 9.98 18.05 -5.81
N ARG A 36 9.77 18.56 -7.03
CA ARG A 36 9.88 20.00 -7.24
C ARG A 36 8.65 20.76 -6.73
N HIS A 37 7.48 20.11 -6.63
CA HIS A 37 6.26 20.85 -6.25
C HIS A 37 5.86 20.51 -4.82
N GLU A 38 4.63 20.92 -4.46
CA GLU A 38 4.19 20.88 -3.06
C GLU A 38 4.10 19.44 -2.55
N ILE A 39 3.73 18.52 -3.40
CA ILE A 39 3.59 17.12 -2.99
C ILE A 39 4.38 16.23 -3.93
N PRO A 40 5.15 15.27 -3.42
CA PRO A 40 5.91 14.36 -4.28
C PRO A 40 5.02 13.60 -5.26
N VAL A 41 5.47 13.50 -6.51
CA VAL A 41 4.79 12.71 -7.54
C VAL A 41 5.64 11.49 -7.86
N LEU A 42 5.03 10.30 -7.77
CA LEU A 42 5.73 9.07 -8.07
C LEU A 42 6.19 9.05 -9.53
N PRO A 43 7.23 8.26 -9.86
CA PRO A 43 7.69 8.20 -11.25
C PRO A 43 6.57 7.84 -12.22
N ASN A 44 6.61 8.44 -13.40
CA ASN A 44 5.73 8.05 -14.49
C ASN A 44 6.00 6.62 -14.93
N ARG A 45 4.91 5.84 -15.08
CA ARG A 45 4.98 4.47 -15.58
C ARG A 45 5.64 4.39 -16.95
N VAL A 46 5.35 5.34 -17.84
CA VAL A 46 5.80 5.21 -19.23
C VAL A 46 7.25 5.63 -19.34
N GLY A 47 8.09 4.74 -19.88
CA GLY A 47 9.51 4.96 -20.02
C GLY A 47 10.34 4.66 -18.79
N LEU A 48 9.73 4.14 -17.72
CA LEU A 48 10.46 3.85 -16.50
C LEU A 48 11.24 2.55 -16.69
N PRO A 49 12.57 2.55 -16.57
CA PRO A 49 13.32 1.32 -16.81
C PRO A 49 12.96 0.24 -15.81
N ILE A 50 12.98 -1.02 -16.29
CA ILE A 50 12.46 -2.11 -15.46
C ILE A 50 13.30 -2.25 -14.19
N ASN A 51 14.58 -1.86 -14.22
CA ASN A 51 15.39 -2.02 -13.01
C ASN A 51 15.07 -0.98 -11.94
N GLN A 52 14.27 0.05 -12.26
CA GLN A 52 13.81 1.00 -11.25
C GLN A 52 12.33 0.81 -10.86
N ARG A 53 11.68 -0.23 -11.35
CA ARG A 53 10.23 -0.30 -11.32
C ARG A 53 9.66 -0.78 -9.98
N PHE A 54 10.40 -1.54 -9.17
CA PHE A 54 9.78 -2.19 -8.00
C PHE A 54 10.63 -1.97 -6.76
N ILE A 55 10.01 -2.06 -5.58
CA ILE A 55 10.79 -2.18 -4.36
C ILE A 55 10.22 -3.37 -3.59
N LEU A 56 11.01 -3.89 -2.67
CA LEU A 56 10.57 -5.08 -1.96
C LEU A 56 10.48 -4.75 -0.48
N VAL A 57 9.42 -5.22 0.15
CA VAL A 57 9.23 -5.00 1.58
C VAL A 57 9.23 -6.38 2.24
N GLU A 58 10.20 -6.64 3.10
CA GLU A 58 10.32 -7.95 3.71
C GLU A 58 9.82 -7.87 5.13
N LEU A 59 8.78 -8.65 5.44
CA LEU A 59 8.11 -8.63 6.72
C LEU A 59 8.39 -9.91 7.49
N SER A 60 8.61 -9.78 8.80
CA SER A 60 8.65 -10.97 9.66
C SER A 60 7.92 -10.67 10.96
N ASN A 61 7.67 -11.71 11.76
CA ASN A 61 6.86 -11.53 12.98
C ASN A 61 7.51 -12.30 14.13
N HIS A 62 6.79 -12.39 15.27
CA HIS A 62 7.30 -13.12 16.44
C HIS A 62 7.62 -14.59 16.11
N ALA A 63 6.88 -15.21 15.20
CA ALA A 63 7.15 -16.58 14.78
C ALA A 63 8.36 -16.67 13.84
N GLU A 64 8.95 -15.53 13.47
CA GLU A 64 10.13 -15.48 12.60
C GLU A 64 9.84 -16.10 11.25
N LEU A 65 8.57 -16.05 10.85
CA LEU A 65 8.22 -16.29 9.46
C LEU A 65 8.45 -15.00 8.68
N SER A 66 8.79 -15.14 7.42
CA SER A 66 9.08 -13.98 6.61
C SER A 66 8.40 -14.10 5.26
N VAL A 67 7.84 -13.00 4.78
CA VAL A 67 7.31 -12.90 3.43
C VAL A 67 7.81 -11.58 2.87
N THR A 68 7.84 -11.49 1.53
CA THR A 68 8.35 -10.30 0.86
C THR A 68 7.29 -9.80 -0.10
N LEU A 69 6.80 -8.59 0.14
CA LEU A 69 5.84 -7.95 -0.76
C LEU A 69 6.61 -7.22 -1.87
N ALA A 70 6.10 -7.24 -3.09
CA ALA A 70 6.64 -6.37 -4.13
C ALA A 70 5.71 -5.19 -4.31
N LEU A 71 6.26 -3.97 -4.28
CA LEU A 71 5.51 -2.73 -4.52
C LEU A 71 5.93 -2.09 -5.83
N ASP A 72 4.94 -1.65 -6.59
CA ASP A 72 5.15 -0.87 -7.82
C ASP A 72 5.50 0.56 -7.42
N VAL A 73 6.68 1.06 -7.84
CA VAL A 73 7.03 2.43 -7.46
C VAL A 73 6.16 3.46 -8.15
N THR A 74 5.44 3.09 -9.20
CA THR A 74 4.61 4.11 -9.88
C THR A 74 3.30 4.40 -9.15
N ASN A 75 2.83 3.48 -8.31
CA ASN A 75 1.61 3.78 -7.57
C ASN A 75 1.66 3.32 -6.13
N ALA A 76 2.80 2.80 -5.66
CA ALA A 76 2.97 2.32 -4.29
C ALA A 76 2.10 1.13 -3.95
N TYR A 77 1.54 0.43 -4.94
CA TYR A 77 0.64 -0.68 -4.58
C TYR A 77 1.37 -2.02 -4.59
N VAL A 78 0.87 -2.95 -3.76
CA VAL A 78 1.38 -4.32 -3.72
C VAL A 78 0.95 -5.03 -4.99
N VAL A 79 1.93 -5.51 -5.77
CA VAL A 79 1.60 -6.31 -6.94
C VAL A 79 1.74 -7.82 -6.75
N GLY A 80 2.37 -8.27 -5.66
CA GLY A 80 2.54 -9.71 -5.45
C GLY A 80 3.46 -9.94 -4.26
N TYR A 81 3.69 -11.22 -3.96
CA TYR A 81 4.58 -11.50 -2.83
C TYR A 81 5.23 -12.86 -2.99
N ARG A 82 6.25 -13.08 -2.17
CA ARG A 82 7.04 -14.30 -2.14
C ARG A 82 6.95 -14.90 -0.75
N ALA A 83 6.73 -16.22 -0.68
CA ALA A 83 6.80 -16.99 0.56
C ALA A 83 7.56 -18.25 0.23
N GLY A 84 8.75 -18.40 0.80
CA GLY A 84 9.52 -19.61 0.55
C GLY A 84 9.87 -19.69 -0.92
N ASN A 85 9.57 -20.83 -1.53
CA ASN A 85 9.93 -21.11 -2.91
C ASN A 85 8.80 -20.78 -3.89
N SER A 86 7.82 -19.97 -3.47
CA SER A 86 6.67 -19.63 -4.29
C SER A 86 6.46 -18.12 -4.32
N ALA A 87 6.06 -17.61 -5.50
CA ALA A 87 5.65 -16.20 -5.65
C ALA A 87 4.24 -16.12 -6.23
N TYR A 88 3.45 -15.15 -5.77
CA TYR A 88 2.03 -15.05 -6.12
C TYR A 88 1.76 -13.63 -6.57
N PHE A 89 1.09 -13.46 -7.71
CA PHE A 89 0.87 -12.13 -8.26
C PHE A 89 -0.62 -11.86 -8.50
N PHE A 90 -1.08 -10.63 -8.25
CA PHE A 90 -2.44 -10.25 -8.67
C PHE A 90 -2.51 -10.27 -10.19
N HIS A 91 -3.70 -10.53 -10.73
CA HIS A 91 -3.91 -10.47 -12.18
C HIS A 91 -3.50 -9.09 -12.70
N PRO A 92 -2.53 -9.01 -13.61
CA PRO A 92 -2.18 -7.70 -14.18
C PRO A 92 -3.27 -7.21 -15.12
N ASP A 93 -3.37 -5.88 -15.25
CA ASP A 93 -4.41 -5.22 -16.06
C ASP A 93 -4.10 -5.22 -17.54
N ASN A 94 -2.84 -5.34 -17.93
CA ASN A 94 -2.45 -5.26 -19.33
C ASN A 94 -1.16 -6.05 -19.52
N GLN A 95 -0.80 -6.25 -20.78
CA GLN A 95 0.34 -7.13 -21.09
C GLN A 95 1.67 -6.55 -20.56
N GLU A 96 1.87 -5.23 -20.69
CA GLU A 96 3.12 -4.59 -20.25
C GLU A 96 3.37 -4.82 -18.76
N ASP A 97 2.32 -4.70 -17.94
CA ASP A 97 2.43 -4.99 -16.52
C ASP A 97 2.66 -6.48 -16.27
N ALA A 98 2.07 -7.35 -17.09
CA ALA A 98 2.34 -8.77 -16.96
C ALA A 98 3.79 -9.08 -17.29
N GLU A 99 4.36 -8.40 -18.30
CA GLU A 99 5.77 -8.58 -18.62
C GLU A 99 6.64 -8.07 -17.48
N ALA A 100 6.28 -6.92 -16.90
CA ALA A 100 7.14 -6.33 -15.88
C ALA A 100 7.26 -7.24 -14.66
N ILE A 101 6.20 -7.97 -14.32
CA ILE A 101 6.29 -8.77 -13.10
C ILE A 101 7.08 -10.06 -13.30
N THR A 102 7.35 -10.48 -14.56
CA THR A 102 8.30 -11.58 -14.75
C THR A 102 9.71 -11.22 -14.31
N HIS A 103 10.00 -9.96 -14.04
CA HIS A 103 11.31 -9.58 -13.51
C HIS A 103 11.37 -9.65 -11.99
N LEU A 104 10.29 -10.10 -11.32
CA LEU A 104 10.24 -10.18 -9.87
C LEU A 104 10.45 -11.62 -9.39
N PHE A 105 11.26 -11.80 -8.32
CA PHE A 105 11.43 -13.10 -7.67
C PHE A 105 11.87 -14.17 -8.66
N THR A 106 12.84 -13.82 -9.50
CA THR A 106 13.11 -14.64 -10.68
C THR A 106 13.72 -15.99 -10.32
N ASP A 107 14.19 -16.17 -9.08
CA ASP A 107 14.75 -17.43 -8.60
C ASP A 107 13.71 -18.41 -8.01
N VAL A 108 12.47 -18.00 -7.69
CA VAL A 108 11.54 -18.97 -7.08
C VAL A 108 11.22 -20.09 -8.07
N GLN A 109 10.97 -21.29 -7.53
CA GLN A 109 10.57 -22.43 -8.34
C GLN A 109 9.13 -22.31 -8.88
N ASN A 110 8.21 -21.73 -8.11
CA ASN A 110 6.79 -21.78 -8.43
C ASN A 110 6.26 -20.35 -8.50
N ARG A 111 5.78 -19.96 -9.68
CA ARG A 111 5.15 -18.66 -9.92
C ARG A 111 3.67 -18.87 -10.24
N TYR A 112 2.81 -18.08 -9.62
CA TYR A 112 1.37 -18.19 -9.80
C TYR A 112 0.80 -16.79 -9.99
N THR A 113 -0.16 -16.65 -10.91
CA THR A 113 -0.90 -15.41 -11.12
C THR A 113 -2.36 -15.65 -10.69
N PHE A 114 -2.81 -14.95 -9.66
CA PHE A 114 -4.21 -15.04 -9.26
C PHE A 114 -5.13 -14.59 -10.39
N ALA A 115 -6.33 -15.19 -10.45
CA ALA A 115 -7.39 -14.77 -11.38
C ALA A 115 -7.95 -13.38 -11.09
N PHE A 116 -7.67 -12.81 -9.94
CA PHE A 116 -8.35 -11.62 -9.47
C PHE A 116 -7.32 -10.52 -9.27
N GLY A 117 -7.80 -9.26 -9.33
CA GLY A 117 -6.95 -8.13 -9.08
C GLY A 117 -6.83 -7.85 -7.60
N GLY A 118 -5.97 -6.90 -7.25
CA GLY A 118 -5.76 -6.61 -5.84
C GLY A 118 -6.47 -5.36 -5.34
N ASN A 119 -7.48 -4.90 -6.05
CA ASN A 119 -8.24 -3.74 -5.59
C ASN A 119 -9.13 -4.11 -4.39
N TYR A 120 -9.50 -3.11 -3.57
CA TYR A 120 -10.23 -3.37 -2.33
C TYR A 120 -11.57 -4.06 -2.56
N ASP A 121 -12.32 -3.61 -3.56
CA ASP A 121 -13.63 -4.22 -3.81
C ASP A 121 -13.51 -5.73 -3.97
N ARG A 122 -12.52 -6.16 -4.76
CA ARG A 122 -12.36 -7.59 -4.99
C ARG A 122 -11.87 -8.29 -3.73
N LEU A 123 -10.86 -7.73 -3.06
CA LEU A 123 -10.31 -8.41 -1.88
C LEU A 123 -11.37 -8.54 -0.79
N GLU A 124 -12.22 -7.52 -0.65
CA GLU A 124 -13.27 -7.58 0.36
C GLU A 124 -14.26 -8.68 0.04
N GLN A 125 -14.56 -8.86 -1.25
CA GLN A 125 -15.45 -9.97 -1.61
C GLN A 125 -14.83 -11.30 -1.25
N LEU A 126 -13.57 -11.47 -1.58
CA LEU A 126 -12.89 -12.74 -1.30
C LEU A 126 -12.80 -12.99 0.20
N ALA A 127 -12.49 -11.95 0.98
CA ALA A 127 -12.39 -12.07 2.42
C ALA A 127 -13.75 -12.31 3.09
N GLY A 128 -14.82 -11.94 2.41
CA GLY A 128 -16.13 -11.89 3.04
C GLY A 128 -16.25 -10.83 4.11
N ASN A 129 -15.44 -9.76 4.06
CA ASN A 129 -15.56 -8.72 5.07
C ASN A 129 -15.16 -7.38 4.45
N LEU A 130 -15.87 -6.30 4.82
CA LEU A 130 -15.44 -4.97 4.39
C LEU A 130 -14.28 -4.42 5.23
N ARG A 131 -13.57 -3.43 4.67
CA ARG A 131 -12.48 -2.79 5.41
C ARG A 131 -12.96 -2.32 6.77
N GLU A 132 -14.20 -1.80 6.81
CA GLU A 132 -14.85 -1.29 8.01
C GLU A 132 -14.87 -2.31 9.13
N ASN A 133 -14.76 -3.62 8.82
CA ASN A 133 -14.85 -4.64 9.85
C ASN A 133 -13.60 -5.50 9.97
N ILE A 134 -12.47 -5.05 9.41
CA ILE A 134 -11.19 -5.75 9.46
C ILE A 134 -10.26 -4.92 10.33
N GLU A 135 -9.89 -5.47 11.48
CA GLU A 135 -9.07 -4.72 12.42
C GLU A 135 -7.63 -4.56 11.91
N LEU A 136 -7.04 -3.41 12.20
CA LEU A 136 -5.66 -3.07 11.86
C LEU A 136 -4.85 -2.86 13.14
N GLY A 137 -3.54 -3.06 13.07
CA GLY A 137 -2.69 -2.87 14.23
C GLY A 137 -1.52 -3.85 14.11
N ASN A 138 -0.66 -3.87 15.15
CA ASN A 138 0.50 -4.79 15.11
C ASN A 138 0.04 -6.25 15.20
N GLY A 139 -0.96 -6.52 16.04
CA GLY A 139 -1.50 -7.85 16.19
C GLY A 139 -2.03 -8.38 14.87
N PRO A 140 -2.94 -7.63 14.23
CA PRO A 140 -3.41 -8.07 12.90
C PRO A 140 -2.27 -8.25 11.89
N LEU A 141 -1.29 -7.34 11.88
CA LEU A 141 -0.19 -7.46 10.92
C LEU A 141 0.60 -8.75 11.16
N GLU A 142 0.91 -9.04 12.43
CA GLU A 142 1.55 -10.31 12.80
C GLU A 142 0.80 -11.52 12.24
N GLU A 143 -0.52 -11.57 12.47
CA GLU A 143 -1.34 -12.67 11.95
C GLU A 143 -1.36 -12.69 10.43
N ALA A 144 -1.40 -11.51 9.79
CA ALA A 144 -1.38 -11.43 8.33
C ALA A 144 -0.11 -12.06 7.76
N ILE A 145 1.01 -11.85 8.45
CA ILE A 145 2.31 -12.32 7.95
C ILE A 145 2.36 -13.83 7.95
N SER A 146 1.88 -14.45 9.06
CA SER A 146 1.83 -15.91 9.13
C SER A 146 0.87 -16.46 8.09
N ALA A 147 -0.27 -15.78 7.89
CA ALA A 147 -1.26 -16.28 6.92
C ALA A 147 -0.71 -16.27 5.50
N LEU A 148 -0.03 -15.18 5.15
CA LEU A 148 0.61 -15.06 3.85
C LEU A 148 1.67 -16.13 3.66
N TYR A 149 2.47 -16.40 4.70
CA TYR A 149 3.48 -17.47 4.59
C TYR A 149 2.81 -18.83 4.39
N TYR A 150 1.87 -19.16 5.28
CA TYR A 150 1.29 -20.50 5.21
C TYR A 150 0.35 -20.69 4.03
N TYR A 151 0.07 -19.65 3.25
CA TYR A 151 -0.60 -19.89 1.99
C TYR A 151 0.22 -20.82 1.12
N SER A 152 1.55 -20.70 1.18
CA SER A 152 2.40 -21.48 0.30
C SER A 152 2.48 -22.92 0.73
N THR A 153 2.10 -23.22 1.98
CA THR A 153 2.10 -24.61 2.41
C THR A 153 0.72 -25.25 2.34
N GLY A 154 -0.29 -24.54 1.89
CA GLY A 154 -1.63 -25.10 1.95
C GLY A 154 -2.36 -24.86 3.26
N GLY A 155 -1.77 -24.13 4.19
CA GLY A 155 -2.37 -23.97 5.50
C GLY A 155 -3.30 -22.78 5.65
N THR A 156 -3.43 -21.93 4.63
CA THR A 156 -4.22 -20.70 4.66
C THR A 156 -5.22 -20.77 3.55
N GLN A 157 -6.50 -20.57 3.87
CA GLN A 157 -7.47 -20.54 2.79
C GLN A 157 -7.60 -19.12 2.21
N LEU A 158 -8.09 -19.06 0.98
CA LEU A 158 -8.14 -17.79 0.25
C LEU A 158 -8.88 -16.67 1.00
N PRO A 159 -10.01 -16.88 1.68
CA PRO A 159 -10.62 -15.70 2.34
C PRO A 159 -9.67 -15.08 3.37
N THR A 160 -8.95 -15.89 4.13
CA THR A 160 -7.99 -15.37 5.11
C THR A 160 -6.79 -14.73 4.41
N LEU A 161 -6.36 -15.28 3.27
CA LEU A 161 -5.31 -14.62 2.50
C LEU A 161 -5.76 -13.22 2.07
N ALA A 162 -6.97 -13.10 1.53
CA ALA A 162 -7.48 -11.78 1.11
C ALA A 162 -7.53 -10.81 2.28
N ARG A 163 -8.04 -11.24 3.43
N ARG A 163 -8.06 -11.25 3.42
CA ARG A 163 -8.09 -10.34 4.58
CA ARG A 163 -8.07 -10.37 4.60
C ARG A 163 -6.68 -9.91 4.97
C ARG A 163 -6.66 -9.91 4.93
N SER A 164 -5.71 -10.83 4.84
CA SER A 164 -4.32 -10.50 5.16
C SER A 164 -3.77 -9.46 4.19
N PHE A 165 -4.10 -9.57 2.89
CA PHE A 165 -3.66 -8.52 1.96
C PHE A 165 -4.24 -7.17 2.35
N ILE A 166 -5.52 -7.18 2.73
CA ILE A 166 -6.19 -5.91 3.08
C ILE A 166 -5.46 -5.24 4.23
N ILE A 167 -5.01 -6.04 5.19
CA ILE A 167 -4.27 -5.52 6.35
C ILE A 167 -2.91 -4.97 5.91
N CYS A 168 -2.15 -5.74 5.11
CA CYS A 168 -0.80 -5.31 4.69
C CYS A 168 -0.88 -4.08 3.83
N ILE A 169 -1.79 -4.08 2.85
CA ILE A 169 -1.90 -2.96 1.95
C ILE A 169 -2.20 -1.67 2.73
N GLN A 170 -3.15 -1.73 3.67
CA GLN A 170 -3.43 -0.50 4.41
C GLN A 170 -2.26 -0.06 5.28
N MET A 171 -1.57 -1.00 5.93
CA MET A 171 -0.58 -0.57 6.92
C MET A 171 0.76 -0.23 6.29
N ILE A 172 0.95 -0.56 5.01
CA ILE A 172 2.20 -0.26 4.31
C ILE A 172 1.94 0.67 3.14
N SER A 173 1.21 0.21 2.13
CA SER A 173 0.96 1.09 0.98
C SER A 173 0.22 2.36 1.37
N GLU A 174 -0.93 2.24 2.06
CA GLU A 174 -1.69 3.47 2.34
C GLU A 174 -1.01 4.30 3.39
N ALA A 175 -0.27 3.68 4.31
CA ALA A 175 0.48 4.51 5.27
C ALA A 175 1.60 5.26 4.56
N ALA A 176 2.21 4.66 3.56
CA ALA A 176 3.23 5.38 2.79
C ALA A 176 2.60 6.52 1.99
N ARG A 177 1.39 6.31 1.44
CA ARG A 177 0.77 7.35 0.60
C ARG A 177 0.24 8.53 1.42
N PHE A 178 -0.15 8.31 2.68
CA PHE A 178 -0.87 9.30 3.46
C PHE A 178 -0.24 9.41 4.84
N GLN A 179 0.30 10.58 5.18
CA GLN A 179 0.71 10.85 6.57
C GLN A 179 -0.47 10.66 7.51
N TYR A 180 -1.67 11.02 7.07
CA TYR A 180 -2.86 10.82 7.92
C TYR A 180 -3.05 9.35 8.28
N ILE A 181 -2.91 8.47 7.29
CA ILE A 181 -3.12 7.05 7.64
C ILE A 181 -1.94 6.50 8.42
N GLU A 182 -0.71 6.98 8.16
CA GLU A 182 0.40 6.56 9.00
C GLU A 182 0.15 6.94 10.46
N GLY A 183 -0.40 8.13 10.69
CA GLY A 183 -0.70 8.53 12.06
C GLY A 183 -1.78 7.67 12.70
N GLU A 184 -2.77 7.23 11.91
CA GLU A 184 -3.78 6.32 12.44
C GLU A 184 -3.14 5.02 12.91
N MET A 185 -2.16 4.50 12.13
CA MET A 185 -1.48 3.27 12.55
C MET A 185 -0.58 3.52 13.74
N ARG A 186 0.05 4.70 13.77
CA ARG A 186 0.93 5.01 14.89
C ARG A 186 0.18 4.98 16.21
N THR A 187 -1.04 5.52 16.22
CA THR A 187 -1.87 5.55 17.43
C THR A 187 -2.23 4.13 17.88
N ARG A 188 -2.54 3.25 16.93
CA ARG A 188 -2.83 1.85 17.27
C ARG A 188 -1.63 1.16 17.90
N ILE A 189 -0.44 1.32 17.31
CA ILE A 189 0.76 0.74 17.90
C ILE A 189 1.04 1.33 19.28
N ARG A 190 0.87 2.65 19.40
CA ARG A 190 1.16 3.33 20.66
C ARG A 190 0.34 2.74 21.81
N TYR A 191 -0.98 2.59 21.63
CA TYR A 191 -1.82 2.13 22.73
C TYR A 191 -2.07 0.63 22.66
N ASN A 192 -1.33 -0.09 21.81
CA ASN A 192 -1.43 -1.53 21.68
C ASN A 192 -2.86 -1.96 21.39
N ARG A 193 -3.50 -1.27 20.46
CA ARG A 193 -4.89 -1.59 20.17
C ARG A 193 -4.96 -2.12 18.75
N ARG A 194 -5.99 -2.92 18.50
CA ARG A 194 -6.33 -3.32 17.14
C ARG A 194 -7.75 -2.83 16.90
N SER A 195 -7.97 -2.14 15.78
CA SER A 195 -9.31 -1.63 15.47
C SER A 195 -9.43 -1.33 13.98
N ALA A 196 -10.65 -1.44 13.49
CA ALA A 196 -10.94 -1.24 12.08
C ALA A 196 -10.83 0.25 11.75
N PRO A 197 -10.57 0.58 10.48
CA PRO A 197 -10.38 2.00 10.12
C PRO A 197 -11.71 2.72 10.08
N ASP A 198 -11.74 3.97 10.57
CA ASP A 198 -12.95 4.78 10.55
C ASP A 198 -13.21 5.29 9.13
N PRO A 199 -14.36 5.98 8.92
CA PRO A 199 -14.70 6.42 7.56
C PRO A 199 -13.74 7.42 6.92
N SER A 200 -13.01 8.20 7.74
CA SER A 200 -12.04 9.14 7.15
C SER A 200 -10.93 8.40 6.43
N VAL A 201 -10.45 7.29 7.01
CA VAL A 201 -9.39 6.49 6.41
C VAL A 201 -9.89 5.82 5.14
N ILE A 202 -11.05 5.17 5.21
CA ILE A 202 -11.58 4.49 4.03
C ILE A 202 -11.82 5.46 2.88
N THR A 203 -12.37 6.64 3.18
CA THR A 203 -12.63 7.59 2.10
C THR A 203 -11.33 8.15 1.51
N LEU A 204 -10.31 8.39 2.35
CA LEU A 204 -9.02 8.82 1.80
C LEU A 204 -8.45 7.76 0.84
N GLU A 205 -8.46 6.47 1.27
CA GLU A 205 -7.98 5.38 0.41
C GLU A 205 -8.73 5.36 -0.90
N ASN A 206 -10.06 5.47 -0.84
CA ASN A 206 -10.85 5.41 -2.07
C ASN A 206 -10.54 6.62 -2.97
N SER A 207 -10.07 7.70 -2.37
CA SER A 207 -9.92 8.98 -3.06
C SER A 207 -8.50 9.25 -3.58
N TRP A 208 -7.55 8.36 -3.34
CA TRP A 208 -6.15 8.71 -3.63
C TRP A 208 -5.95 9.05 -5.09
N GLY A 209 -6.52 8.26 -5.98
CA GLY A 209 -6.41 8.54 -7.41
C GLY A 209 -7.06 9.85 -7.79
N ARG A 210 -8.27 10.13 -7.26
CA ARG A 210 -8.95 11.39 -7.60
C ARG A 210 -8.20 12.60 -7.06
N LEU A 211 -7.68 12.49 -5.85
CA LEU A 211 -6.90 13.58 -5.28
C LEU A 211 -5.65 13.86 -6.12
N SER A 212 -4.94 12.80 -6.52
CA SER A 212 -3.75 12.93 -7.35
C SER A 212 -4.06 13.70 -8.63
N THR A 213 -5.24 13.47 -9.20
CA THR A 213 -5.65 14.19 -10.39
C THR A 213 -6.01 15.62 -10.06
N ALA A 214 -6.82 15.82 -9.02
CA ALA A 214 -7.24 17.18 -8.70
C ALA A 214 -6.03 18.05 -8.42
N ILE A 215 -5.03 17.51 -7.71
CA ILE A 215 -3.85 18.28 -7.34
C ILE A 215 -3.00 18.60 -8.56
N GLN A 216 -2.70 17.60 -9.38
CA GLN A 216 -1.80 17.86 -10.50
C GLN A 216 -2.46 18.64 -11.63
N GLU A 217 -3.79 18.75 -11.61
CA GLU A 217 -4.50 19.58 -12.59
C GLU A 217 -4.92 20.92 -12.01
N SER A 218 -4.51 21.22 -10.78
CA SER A 218 -4.88 22.50 -10.19
C SER A 218 -4.24 23.65 -10.94
N ASN A 219 -4.85 24.81 -10.78
CA ASN A 219 -4.34 26.06 -11.31
C ASN A 219 -4.12 26.97 -10.11
N GLN A 220 -2.85 27.32 -9.86
CA GLN A 220 -2.46 28.15 -8.71
C GLN A 220 -2.81 27.47 -7.39
N GLY A 221 -2.84 26.14 -7.39
CA GLY A 221 -3.28 25.37 -6.24
C GLY A 221 -4.78 25.18 -6.11
N ALA A 222 -5.61 25.86 -6.90
CA ALA A 222 -7.07 25.76 -6.78
C ALA A 222 -7.62 24.61 -7.63
N PHE A 223 -8.47 23.77 -7.04
CA PHE A 223 -9.06 22.68 -7.80
C PHE A 223 -10.06 23.22 -8.81
N ALA A 224 -10.21 22.47 -9.91
CA ALA A 224 -11.23 22.81 -10.89
C ALA A 224 -12.63 22.57 -10.32
N SER A 225 -12.83 21.40 -9.73
CA SER A 225 -14.06 21.07 -9.03
C SER A 225 -13.73 20.41 -7.70
N PRO A 226 -14.58 20.59 -6.69
CA PRO A 226 -14.25 20.08 -5.36
C PRO A 226 -14.20 18.56 -5.36
N ILE A 227 -13.45 18.01 -4.41
CA ILE A 227 -13.54 16.59 -4.08
C ILE A 227 -13.95 16.47 -2.62
N GLN A 228 -14.84 15.54 -2.34
CA GLN A 228 -15.42 15.37 -1.02
C GLN A 228 -14.69 14.30 -0.21
N LEU A 229 -14.42 14.59 1.06
CA LEU A 229 -13.80 13.68 2.03
C LEU A 229 -14.69 13.53 3.26
N GLN A 230 -14.29 12.66 4.20
CA GLN A 230 -15.08 12.44 5.41
C GLN A 230 -14.21 12.60 6.64
N ARG A 231 -14.85 13.09 7.71
CA ARG A 231 -14.29 13.11 9.05
C ARG A 231 -14.43 11.75 9.69
N ARG A 232 -13.76 11.60 10.83
CA ARG A 232 -13.79 10.32 11.52
C ARG A 232 -15.19 9.97 11.98
N ASN A 233 -16.08 10.95 12.11
CA ASN A 233 -17.45 10.61 12.48
C ASN A 233 -18.33 10.38 11.27
N GLY A 234 -17.76 10.30 10.07
CA GLY A 234 -18.54 10.10 8.87
C GLY A 234 -19.12 11.34 8.22
N SER A 235 -19.08 12.50 8.88
CA SER A 235 -19.58 13.70 8.21
C SER A 235 -18.65 14.10 7.08
N LYS A 236 -19.24 14.76 6.08
CA LYS A 236 -18.62 15.04 4.78
C LYS A 236 -18.25 16.52 4.66
N PHE A 237 -17.14 16.80 3.97
CA PHE A 237 -16.75 18.18 3.64
C PHE A 237 -16.05 18.18 2.29
N SER A 238 -15.84 19.36 1.73
CA SER A 238 -15.16 19.51 0.46
C SER A 238 -13.79 20.14 0.66
N VAL A 239 -12.84 19.75 -0.19
CA VAL A 239 -11.56 20.45 -0.31
C VAL A 239 -11.47 21.03 -1.72
N TYR A 240 -10.90 22.24 -1.82
CA TYR A 240 -10.87 23.00 -3.06
C TYR A 240 -9.48 23.38 -3.52
N ASP A 241 -8.43 23.08 -2.73
CA ASP A 241 -7.08 23.58 -2.98
C ASP A 241 -6.04 22.57 -2.50
N VAL A 242 -4.80 22.71 -2.99
CA VAL A 242 -3.74 21.77 -2.68
C VAL A 242 -3.25 21.96 -1.24
N SER A 243 -3.10 23.20 -0.79
CA SER A 243 -2.31 23.46 0.43
C SER A 243 -2.79 22.64 1.64
N ILE A 244 -4.11 22.58 1.86
CA ILE A 244 -4.65 21.85 3.03
C ILE A 244 -4.33 20.37 2.99
N LEU A 245 -4.02 19.83 1.82
CA LEU A 245 -3.69 18.42 1.71
C LEU A 245 -2.20 18.14 1.83
N ILE A 246 -1.33 19.16 1.80
CA ILE A 246 0.09 18.91 1.97
C ILE A 246 0.40 18.07 3.21
N PRO A 247 -0.20 18.34 4.39
CA PRO A 247 0.09 17.49 5.56
C PRO A 247 -0.56 16.13 5.50
N ILE A 248 -1.43 15.84 4.54
CA ILE A 248 -2.28 14.64 4.56
C ILE A 248 -1.80 13.57 3.58
N ILE A 249 -1.42 13.96 2.38
CA ILE A 249 -1.06 13.03 1.32
C ILE A 249 0.44 13.18 1.04
N ALA A 250 1.18 12.07 1.07
CA ALA A 250 2.63 12.12 1.01
C ALA A 250 3.19 11.80 -0.37
N LEU A 251 2.41 11.15 -1.22
CA LEU A 251 2.86 10.68 -2.53
C LEU A 251 1.66 10.67 -3.45
N MET A 252 1.89 10.93 -4.74
CA MET A 252 0.80 10.90 -5.71
C MET A 252 1.19 10.12 -6.94
N VAL A 253 0.23 9.41 -7.51
CA VAL A 253 0.46 8.74 -8.78
C VAL A 253 0.57 9.81 -9.85
N TYR A 254 1.44 9.58 -10.81
CA TYR A 254 1.70 10.60 -11.82
C TYR A 254 0.40 10.89 -12.56
N ARG A 255 0.18 12.14 -12.91
CA ARG A 255 -1.01 12.55 -13.64
C ARG A 255 -0.62 13.73 -14.51
N CYS A 256 -1.25 13.85 -15.65
CA CYS A 256 -0.86 14.86 -16.62
C CYS A 256 -1.44 16.24 -16.26
N ALA A 257 -0.66 17.30 -16.57
CA ALA A 257 -1.04 18.71 -16.36
C ALA A 257 -1.29 19.40 -17.69
N PRO A 258 -2.41 20.11 -17.87
CA PRO A 258 -2.69 20.82 -19.12
C PRO A 258 -2.22 22.28 -19.15
#